data_2I0U
#
_entry.id   2I0U
#
_cell.length_a   76.284
_cell.length_b   76.284
_cell.length_c   304.395
_cell.angle_alpha   90.00
_cell.angle_beta   90.00
_cell.angle_gamma   120.00
#
_symmetry.space_group_name_H-M   'H 3 2'
#
loop_
_entity.id
_entity.type
_entity.pdbx_description
1 polymer 'Basic subunit of heterodimer phospholipase A2'
2 non-polymer 'CALCIUM ION'
3 non-polymer 'SULFATE ION'
4 non-polymer 'FRAGMENT OF TRITON X-100'
5 non-polymer 'trifluoroacetic acid'
6 water water
#
_entity_poly.entity_id   1
_entity_poly.type   'polypeptide(L)'
_entity_poly.pdbx_seq_one_letter_code
;NLFQFAKMINGKLGAFSVWNYISYGCYCGWGGQGTPKDATDRCCFVHDCCYGRVRGCNPKLAIYAYSFKKGNIVCGKNNG
CLRDICECDRVAANCFHQNQNTYNKNYKFLSSSRCRQTSEQC
;
_entity_poly.pdbx_strand_id   E,A
#
loop_
_chem_comp.id
_chem_comp.type
_chem_comp.name
_chem_comp.formula
CA non-polymer 'CALCIUM ION' 'Ca 2'
SO4 non-polymer 'SULFATE ION' 'O4 S -2'
TFA non-polymer 'trifluoroacetic acid' 'C2 H F3 O2'
TRT non-polymer 'FRAGMENT OF TRITON X-100' 'C21 H36 O4'
#
# COMPACT_ATOMS: atom_id res chain seq x y z
N ASN A 1 12.13 2.70 -9.69
CA ASN A 1 10.94 3.24 -10.42
C ASN A 1 9.90 3.76 -9.42
N LEU A 2 8.81 4.33 -9.93
CA LEU A 2 7.77 4.89 -9.07
C LEU A 2 7.21 3.92 -8.03
N PHE A 3 7.16 2.64 -8.36
CA PHE A 3 6.64 1.64 -7.41
C PHE A 3 7.57 1.57 -6.20
N GLN A 4 8.87 1.63 -6.47
CA GLN A 4 9.87 1.59 -5.40
C GLN A 4 9.76 2.86 -4.55
N PHE A 5 9.47 3.98 -5.20
CA PHE A 5 9.31 5.26 -4.52
C PHE A 5 8.12 5.13 -3.58
N ALA A 6 7.05 4.53 -4.07
CA ALA A 6 5.85 4.33 -3.25
C ALA A 6 6.14 3.44 -2.04
N LYS A 7 6.92 2.38 -2.24
CA LYS A 7 7.26 1.50 -1.11
C LYS A 7 8.10 2.23 -0.07
N MET A 8 8.96 3.13 -0.53
CA MET A 8 9.78 3.91 0.39
C MET A 8 8.88 4.74 1.27
N ILE A 9 7.94 5.44 0.63
CA ILE A 9 6.99 6.31 1.32
C ILE A 9 6.14 5.51 2.31
N ASN A 10 5.54 4.42 1.83
CA ASN A 10 4.73 3.58 2.67
C ASN A 10 5.52 2.91 3.79
N GLY A 11 6.78 2.56 3.51
CA GLY A 11 7.60 1.93 4.53
C GLY A 11 7.96 2.92 5.63
N LYS A 12 7.99 4.20 5.27
CA LYS A 12 8.33 5.24 6.24
C LYS A 12 7.11 5.80 6.96
N LEU A 13 5.97 5.88 6.27
CA LEU A 13 4.76 6.45 6.85
C LEU A 13 3.58 5.51 7.08
N GLY A 14 3.62 4.30 6.52
CA GLY A 14 2.53 3.36 6.70
C GLY A 14 1.81 3.06 5.38
N ALA A 15 1.08 1.95 5.35
CA ALA A 15 0.35 1.54 4.17
C ALA A 15 -0.52 2.64 3.57
N PHE A 16 -0.48 2.76 2.25
CA PHE A 16 -1.26 3.74 1.50
C PHE A 16 -0.86 5.20 1.64
N SER A 17 0.20 5.48 2.40
CA SER A 17 0.64 6.87 2.57
C SER A 17 0.97 7.57 1.26
N VAL A 18 1.48 6.82 0.28
CA VAL A 18 1.83 7.43 -1.00
C VAL A 18 0.65 8.22 -1.55
N TRP A 19 -0.57 7.75 -1.31
CA TRP A 19 -1.76 8.43 -1.80
C TRP A 19 -1.92 9.85 -1.24
N ASN A 20 -1.30 10.12 -0.09
CA ASN A 20 -1.37 11.45 0.50
C ASN A 20 -0.55 12.43 -0.34
N TYR A 21 0.31 11.88 -1.18
CA TYR A 21 1.17 12.70 -2.02
C TYR A 21 0.85 12.66 -3.51
N ILE A 22 -0.25 12.01 -3.86
CA ILE A 22 -0.67 11.98 -5.24
C ILE A 22 -1.69 13.11 -5.32
N SER A 23 -1.21 14.27 -5.76
CA SER A 23 -2.02 15.47 -5.86
C SER A 23 -2.12 16.18 -4.51
N TYR A 24 -1.04 16.85 -4.14
CA TYR A 24 -0.96 17.60 -2.89
C TYR A 24 -0.19 18.88 -3.21
N GLY A 25 -0.72 20.02 -2.77
CA GLY A 25 -0.06 21.29 -3.02
C GLY A 25 0.08 21.56 -4.52
N CYS A 26 1.05 22.39 -4.86
CA CYS A 26 1.29 22.75 -6.26
C CYS A 26 2.23 21.82 -7.01
N TYR A 27 2.99 20.98 -6.29
CA TYR A 27 3.95 20.11 -6.97
C TYR A 27 3.88 18.60 -6.75
N CYS A 28 3.24 18.14 -5.67
CA CYS A 28 3.17 16.71 -5.44
C CYS A 28 2.23 16.03 -6.43
N GLY A 29 2.80 15.62 -7.55
CA GLY A 29 2.02 14.97 -8.60
C GLY A 29 2.17 15.69 -9.92
N TRP A 30 1.69 15.04 -10.98
CA TRP A 30 1.73 15.57 -12.33
C TRP A 30 1.79 17.10 -12.39
N GLY A 31 2.63 17.61 -13.30
CA GLY A 31 2.78 19.03 -13.44
C GLY A 31 3.26 19.73 -12.19
N GLY A 32 3.38 21.05 -12.26
CA GLY A 32 3.83 21.80 -11.10
C GLY A 32 4.28 23.19 -11.47
N GLN A 33 3.67 24.18 -10.84
CA GLN A 33 3.98 25.59 -11.04
C GLN A 33 3.51 26.30 -9.80
N GLY A 34 3.91 27.56 -9.66
CA GLY A 34 3.48 28.33 -8.50
C GLY A 34 4.39 28.20 -7.30
N THR A 35 3.96 28.79 -6.20
CA THR A 35 4.70 28.77 -4.95
C THR A 35 4.38 27.54 -4.11
N PRO A 36 5.41 26.80 -3.66
CA PRO A 36 5.13 25.61 -2.84
C PRO A 36 4.31 26.07 -1.63
N LYS A 37 3.40 25.23 -1.17
CA LYS A 37 2.56 25.60 -0.04
C LYS A 37 3.18 25.28 1.33
N ASP A 38 4.13 24.36 1.36
CA ASP A 38 4.79 24.01 2.62
C ASP A 38 6.06 23.22 2.35
N ALA A 39 6.67 22.67 3.40
CA ALA A 39 7.91 21.92 3.23
C ALA A 39 7.69 20.70 2.34
N THR A 40 6.62 19.96 2.61
CA THR A 40 6.28 18.78 1.83
C THR A 40 6.20 19.13 0.33
N ASP A 41 5.51 20.21 0.01
CA ASP A 41 5.34 20.65 -1.38
C ASP A 41 6.70 21.03 -1.97
N ARG A 42 7.52 21.73 -1.20
CA ARG A 42 8.85 22.12 -1.65
C ARG A 42 9.63 20.87 -2.07
N CYS A 43 9.54 19.81 -1.26
CA CYS A 43 10.24 18.59 -1.58
C CYS A 43 9.75 17.91 -2.85
N CYS A 44 8.48 18.13 -3.19
CA CYS A 44 7.95 17.57 -4.43
C CYS A 44 8.53 18.35 -5.59
N PHE A 45 8.63 19.67 -5.43
CA PHE A 45 9.23 20.51 -6.46
C PHE A 45 10.64 19.99 -6.71
N VAL A 46 11.39 19.76 -5.63
CA VAL A 46 12.76 19.27 -5.76
C VAL A 46 12.81 17.87 -6.39
N HIS A 47 11.92 16.98 -5.95
CA HIS A 47 11.90 15.62 -6.50
C HIS A 47 11.78 15.66 -8.03
N ASP A 48 10.89 16.50 -8.54
CA ASP A 48 10.71 16.61 -9.98
C ASP A 48 11.98 17.18 -10.61
N CYS A 49 12.58 18.16 -9.94
CA CYS A 49 13.83 18.74 -10.45
C CYS A 49 14.90 17.66 -10.50
N CYS A 50 14.97 16.88 -9.43
CA CYS A 50 15.96 15.81 -9.32
C CYS A 50 15.81 14.80 -10.47
N TYR A 51 14.58 14.44 -10.79
CA TYR A 51 14.29 13.51 -11.89
C TYR A 51 14.71 14.17 -13.20
N GLY A 52 14.40 15.47 -13.32
CA GLY A 52 14.73 16.22 -14.52
C GLY A 52 16.19 16.32 -14.87
N ARG A 53 17.06 16.14 -13.87
CA ARG A 53 18.50 16.19 -14.08
C ARG A 53 19.09 14.85 -14.52
N VAL A 54 18.31 13.79 -14.32
CA VAL A 54 18.76 12.46 -14.70
C VAL A 54 18.88 12.30 -16.22
N ARG A 55 19.94 11.65 -16.67
CA ARG A 55 20.18 11.41 -18.09
C ARG A 55 20.63 9.98 -18.29
N GLY A 56 20.32 9.42 -19.46
CA GLY A 56 20.71 8.04 -19.73
C GLY A 56 19.75 6.99 -19.24
N CYS A 57 18.76 7.40 -18.46
CA CYS A 57 17.78 6.44 -17.96
C CYS A 57 16.47 7.12 -17.63
N ASN A 58 15.41 6.33 -17.55
CA ASN A 58 14.10 6.88 -17.24
C ASN A 58 13.89 6.77 -15.73
N PRO A 59 13.93 7.91 -15.03
CA PRO A 59 13.74 7.92 -13.57
C PRO A 59 12.47 7.25 -13.04
N LYS A 60 11.36 7.36 -13.77
CA LYS A 60 10.12 6.76 -13.32
C LYS A 60 10.02 5.27 -13.63
N LEU A 61 10.83 4.79 -14.57
CA LEU A 61 10.79 3.38 -14.94
C LEU A 61 11.98 2.54 -14.49
N ALA A 62 13.17 3.14 -14.47
CA ALA A 62 14.37 2.41 -14.08
C ALA A 62 14.28 1.77 -12.69
N ILE A 63 14.75 0.54 -12.56
CA ILE A 63 14.73 -0.18 -11.29
C ILE A 63 16.10 -0.17 -10.63
N TYR A 64 16.17 0.32 -9.39
CA TYR A 64 17.42 0.38 -8.65
C TYR A 64 17.36 -0.54 -7.42
N ALA A 65 18.47 -0.62 -6.70
CA ALA A 65 18.55 -1.47 -5.51
C ALA A 65 18.50 -0.60 -4.25
N TYR A 66 17.70 -1.03 -3.28
CA TYR A 66 17.57 -0.29 -2.02
C TYR A 66 16.99 -1.25 -0.99
N SER A 67 16.96 -0.82 0.27
CA SER A 67 16.41 -1.63 1.33
C SER A 67 16.18 -0.78 2.58
N PHE A 68 15.54 -1.38 3.58
CA PHE A 68 15.30 -0.69 4.83
C PHE A 68 16.21 -1.29 5.91
N LYS A 69 16.84 -0.42 6.69
CA LYS A 69 17.74 -0.83 7.77
C LYS A 69 17.29 -0.10 9.02
N LYS A 70 16.73 -0.84 9.97
CA LYS A 70 16.28 -0.25 11.21
C LYS A 70 15.36 0.95 10.96
N GLY A 71 14.40 0.76 10.06
CA GLY A 71 13.46 1.82 9.74
C GLY A 71 13.95 2.90 8.79
N ASN A 72 15.23 2.88 8.45
CA ASN A 72 15.78 3.88 7.54
C ASN A 72 16.01 3.34 6.14
N ILE A 73 15.81 4.19 5.14
CA ILE A 73 16.00 3.82 3.75
C ILE A 73 17.47 3.86 3.37
N VAL A 74 17.93 2.81 2.70
CA VAL A 74 19.32 2.75 2.25
C VAL A 74 19.37 2.42 0.76
N CYS A 75 20.02 3.28 -0.02
CA CYS A 75 20.17 3.04 -1.45
C CYS A 75 21.32 2.05 -1.61
N GLY A 76 21.10 0.98 -2.36
CA GLY A 76 22.12 -0.04 -2.54
C GLY A 76 23.25 0.30 -3.47
N LYS A 77 23.91 -0.73 -3.99
CA LYS A 77 25.03 -0.55 -4.91
C LYS A 77 24.49 -0.15 -6.28
N ASN A 78 24.31 1.15 -6.46
CA ASN A 78 23.82 1.67 -7.73
C ASN A 78 24.90 2.53 -8.35
N ASN A 79 25.01 2.47 -9.67
CA ASN A 79 26.01 3.25 -10.37
C ASN A 79 25.32 4.12 -11.41
N GLY A 80 25.94 5.25 -11.73
CA GLY A 80 25.36 6.14 -12.72
C GLY A 80 24.00 6.69 -12.34
N CYS A 81 23.08 6.64 -13.29
CA CYS A 81 21.74 7.16 -13.11
C CYS A 81 20.90 6.49 -12.01
N LEU A 82 21.05 5.18 -11.86
CA LEU A 82 20.28 4.44 -10.86
C LEU A 82 20.59 4.94 -9.45
N ARG A 83 21.82 5.37 -9.21
CA ARG A 83 22.19 5.88 -7.91
C ARG A 83 21.49 7.23 -7.67
N ASP A 84 21.48 8.08 -8.68
CA ASP A 84 20.85 9.39 -8.57
C ASP A 84 19.34 9.26 -8.36
N ILE A 85 18.74 8.33 -9.08
CA ILE A 85 17.30 8.11 -8.97
C ILE A 85 16.95 7.64 -7.57
N CYS A 86 17.67 6.63 -7.07
CA CYS A 86 17.38 6.14 -5.72
C CYS A 86 17.49 7.28 -4.70
N GLU A 87 18.47 8.15 -4.89
CA GLU A 87 18.67 9.28 -3.99
C GLU A 87 17.50 10.26 -4.06
N CYS A 88 17.06 10.57 -5.26
CA CYS A 88 15.94 11.49 -5.42
C CYS A 88 14.78 10.97 -4.57
N ASP A 89 14.47 9.69 -4.74
CA ASP A 89 13.38 9.02 -4.01
C ASP A 89 13.59 8.97 -2.50
N ARG A 90 14.79 8.58 -2.08
CA ARG A 90 15.14 8.47 -0.65
C ARG A 90 14.96 9.81 0.05
N VAL A 91 15.55 10.86 -0.52
CA VAL A 91 15.45 12.20 0.04
C VAL A 91 14.00 12.68 0.11
N ALA A 92 13.23 12.43 -0.94
CA ALA A 92 11.82 12.84 -0.98
C ALA A 92 11.00 12.11 0.08
N ALA A 93 11.17 10.80 0.19
CA ALA A 93 10.43 10.02 1.17
C ALA A 93 10.81 10.45 2.59
N ASN A 94 12.10 10.65 2.84
CA ASN A 94 12.51 11.08 4.18
C ASN A 94 11.93 12.45 4.49
N CYS A 95 11.83 13.30 3.48
CA CYS A 95 11.26 14.63 3.68
C CYS A 95 9.79 14.56 4.06
N PHE A 96 9.03 13.67 3.39
CA PHE A 96 7.61 13.54 3.71
C PHE A 96 7.46 13.08 5.17
N HIS A 97 8.33 12.16 5.58
CA HIS A 97 8.28 11.65 6.95
C HIS A 97 8.64 12.78 7.91
N GLN A 98 9.72 13.48 7.59
CA GLN A 98 10.20 14.59 8.39
C GLN A 98 9.13 15.64 8.64
N ASN A 99 8.32 15.88 7.63
CA ASN A 99 7.30 16.90 7.74
C ASN A 99 5.86 16.42 7.84
N GLN A 100 5.68 15.18 8.27
CA GLN A 100 4.34 14.62 8.39
C GLN A 100 3.44 15.40 9.34
N ASN A 101 4.01 16.06 10.33
CA ASN A 101 3.21 16.83 11.28
C ASN A 101 2.73 18.17 10.76
N THR A 102 3.27 18.63 9.64
CA THR A 102 2.81 19.90 9.08
C THR A 102 1.95 19.61 7.84
N TYR A 103 1.87 18.33 7.47
CA TYR A 103 1.07 17.93 6.32
C TYR A 103 -0.31 18.54 6.55
N ASN A 104 -0.82 19.25 5.56
CA ASN A 104 -2.12 19.90 5.66
C ASN A 104 -3.11 19.28 4.66
N LYS A 105 -4.06 18.52 5.18
CA LYS A 105 -5.07 17.86 4.36
C LYS A 105 -5.86 18.82 3.48
N ASN A 106 -5.84 20.11 3.81
CA ASN A 106 -6.58 21.10 3.03
C ASN A 106 -5.87 21.39 1.70
N TYR A 107 -4.64 20.91 1.55
CA TYR A 107 -3.89 21.12 0.32
C TYR A 107 -3.98 19.94 -0.64
N LYS A 108 -4.79 18.95 -0.28
CA LYS A 108 -4.99 17.77 -1.11
C LYS A 108 -5.90 18.20 -2.27
N PHE A 109 -5.52 17.88 -3.50
CA PHE A 109 -6.31 18.25 -4.68
C PHE A 109 -6.52 19.75 -4.71
N LEU A 110 -5.45 20.51 -4.48
CA LEU A 110 -5.50 21.96 -4.44
C LEU A 110 -6.01 22.57 -5.76
N SER A 111 -6.82 23.62 -5.68
CA SER A 111 -7.35 24.24 -6.89
C SER A 111 -6.19 24.87 -7.66
N SER A 112 -6.24 24.79 -8.99
CA SER A 112 -5.17 25.31 -9.82
C SER A 112 -4.97 26.81 -9.65
N SER A 113 -6.02 27.52 -9.24
CA SER A 113 -5.92 28.95 -9.05
C SER A 113 -4.93 29.35 -7.95
N ARG A 114 -4.53 28.40 -7.11
CA ARG A 114 -3.59 28.72 -6.05
C ARG A 114 -2.16 28.39 -6.43
N CYS A 115 -1.94 28.03 -7.68
CA CYS A 115 -0.60 27.69 -8.16
C CYS A 115 -0.29 28.43 -9.44
N ARG A 116 -0.55 29.74 -9.45
CA ARG A 116 -0.32 30.54 -10.64
C ARG A 116 0.94 31.39 -10.58
N GLN A 117 1.44 31.62 -9.37
CA GLN A 117 2.64 32.43 -9.18
C GLN A 117 3.76 32.00 -10.11
N THR A 118 4.77 32.86 -10.27
CA THR A 118 5.90 32.54 -11.12
C THR A 118 6.55 31.26 -10.56
N SER A 119 7.24 30.52 -11.41
CA SER A 119 7.88 29.28 -10.99
C SER A 119 9.41 29.37 -10.93
N GLU A 120 9.98 28.87 -9.84
CA GLU A 120 11.43 28.90 -9.63
C GLU A 120 12.14 27.87 -10.50
N GLN A 121 13.32 28.24 -10.98
CA GLN A 121 14.14 27.35 -11.79
C GLN A 121 14.76 26.28 -10.89
N CYS A 122 14.96 25.09 -11.46
CA CYS A 122 15.55 23.98 -10.72
C CYS A 122 17.03 24.22 -10.40
N ASN B 1 -14.26 -2.82 7.04
CA ASN B 1 -14.10 -2.21 5.70
C ASN B 1 -12.94 -2.91 4.99
N LEU B 2 -13.11 -3.18 3.69
CA LEU B 2 -12.07 -3.85 2.92
C LEU B 2 -10.75 -3.08 2.95
N PHE B 3 -10.84 -1.75 3.04
CA PHE B 3 -9.63 -0.94 3.09
C PHE B 3 -8.88 -1.28 4.38
N GLN B 4 -9.64 -1.49 5.46
CA GLN B 4 -9.04 -1.83 6.75
C GLN B 4 -8.39 -3.21 6.69
N PHE B 5 -9.06 -4.14 6.01
CA PHE B 5 -8.55 -5.50 5.86
C PHE B 5 -7.21 -5.41 5.11
N ALA B 6 -7.15 -4.59 4.08
CA ALA B 6 -5.92 -4.42 3.30
C ALA B 6 -4.86 -3.78 4.19
N LYS B 7 -5.32 -2.96 5.14
CA LYS B 7 -4.43 -2.28 6.07
C LYS B 7 -3.76 -3.30 6.99
N MET B 8 -4.55 -4.27 7.46
CA MET B 8 -4.03 -5.30 8.34
C MET B 8 -2.98 -6.14 7.62
N ILE B 9 -3.34 -6.60 6.42
CA ILE B 9 -2.46 -7.42 5.61
C ILE B 9 -1.14 -6.70 5.33
N ASN B 10 -1.22 -5.46 4.85
CA ASN B 10 -0.03 -4.70 4.55
C ASN B 10 0.76 -4.40 5.83
N GLY B 11 0.03 -4.22 6.93
CA GLY B 11 0.69 -3.94 8.20
C GLY B 11 1.42 -5.17 8.70
N LYS B 12 0.95 -6.35 8.28
CA LYS B 12 1.56 -7.62 8.68
C LYS B 12 2.62 -8.17 7.73
N LEU B 13 2.46 -7.93 6.44
CA LEU B 13 3.42 -8.44 5.45
C LEU B 13 4.21 -7.39 4.68
N GLY B 14 3.80 -6.14 4.76
CA GLY B 14 4.51 -5.08 4.04
C GLY B 14 3.68 -4.37 3.00
N ALA B 15 4.17 -3.21 2.56
CA ALA B 15 3.48 -2.40 1.56
C ALA B 15 3.01 -3.20 0.34
N PHE B 16 1.78 -2.95 -0.09
CA PHE B 16 1.19 -3.62 -1.25
C PHE B 16 1.01 -5.14 -1.17
N SER B 17 1.26 -5.74 -0.01
CA SER B 17 1.09 -7.19 0.13
C SER B 17 -0.32 -7.64 -0.23
N VAL B 18 -1.30 -6.77 0.01
CA VAL B 18 -2.68 -7.09 -0.30
C VAL B 18 -2.83 -7.59 -1.74
N TRP B 19 -2.02 -7.05 -2.65
CA TRP B 19 -2.10 -7.45 -4.05
C TRP B 19 -1.71 -8.89 -4.32
N ASN B 20 -1.04 -9.54 -3.36
CA ASN B 20 -0.65 -10.93 -3.53
C ASN B 20 -1.85 -11.82 -3.24
N TYR B 21 -2.88 -11.24 -2.65
CA TYR B 21 -4.08 -11.99 -2.29
C TYR B 21 -5.32 -11.60 -3.09
N ILE B 22 -5.11 -10.75 -4.09
CA ILE B 22 -6.19 -10.35 -4.97
C ILE B 22 -6.04 -11.30 -6.16
N SER B 23 -6.86 -12.33 -6.17
CA SER B 23 -6.83 -13.35 -7.22
C SER B 23 -5.70 -14.34 -6.98
N TYR B 24 -5.90 -15.24 -6.02
CA TYR B 24 -4.92 -16.26 -5.66
C TYR B 24 -5.67 -17.56 -5.36
N GLY B 25 -5.25 -18.65 -6.00
CA GLY B 25 -5.90 -19.92 -5.78
C GLY B 25 -7.34 -19.90 -6.24
N CYS B 26 -8.21 -20.60 -5.52
CA CYS B 26 -9.62 -20.66 -5.89
C CYS B 26 -10.54 -19.78 -5.05
N TYR B 27 -10.06 -19.26 -3.92
CA TYR B 27 -10.91 -18.44 -3.08
C TYR B 27 -10.42 -17.04 -2.72
N CYS B 28 -9.14 -16.76 -2.94
CA CYS B 28 -8.61 -15.43 -2.63
C CYS B 28 -8.97 -14.45 -3.73
N GLY B 29 -9.98 -13.61 -3.48
CA GLY B 29 -10.37 -12.64 -4.47
C GLY B 29 -11.85 -12.65 -4.79
N TRP B 30 -12.20 -12.18 -5.98
CA TRP B 30 -13.59 -12.12 -6.39
C TRP B 30 -14.14 -13.53 -6.54
N GLY B 31 -15.31 -13.77 -5.97
CA GLY B 31 -15.92 -15.09 -6.05
C GLY B 31 -15.02 -16.18 -5.48
N GLY B 32 -15.55 -17.39 -5.43
CA GLY B 32 -14.78 -18.50 -4.91
C GLY B 32 -15.55 -19.80 -5.06
N GLN B 33 -14.89 -20.81 -5.62
CA GLN B 33 -15.50 -22.11 -5.82
C GLN B 33 -14.44 -23.19 -5.87
N GLY B 34 -14.90 -24.44 -5.94
CA GLY B 34 -13.98 -25.55 -5.99
C GLY B 34 -13.37 -25.82 -4.62
N THR B 35 -12.16 -26.36 -4.61
CA THR B 35 -11.49 -26.68 -3.36
C THR B 35 -10.19 -25.88 -3.18
N PRO B 36 -9.96 -25.37 -1.96
CA PRO B 36 -8.75 -24.59 -1.67
C PRO B 36 -7.49 -25.30 -2.18
N LYS B 37 -6.60 -24.55 -2.79
CA LYS B 37 -5.36 -25.11 -3.35
C LYS B 37 -4.21 -25.22 -2.36
N ASP B 38 -4.33 -24.55 -1.20
CA ASP B 38 -3.28 -24.61 -0.19
C ASP B 38 -3.68 -23.88 1.08
N ALA B 39 -2.73 -23.80 2.02
CA ALA B 39 -2.96 -23.14 3.30
C ALA B 39 -3.44 -21.70 3.10
N THR B 40 -2.69 -20.94 2.31
CA THR B 40 -3.04 -19.55 2.01
C THR B 40 -4.45 -19.45 1.45
N ASP B 41 -4.74 -20.31 0.47
CA ASP B 41 -6.05 -20.32 -0.18
C ASP B 41 -7.15 -20.72 0.80
N ARG B 42 -6.81 -21.56 1.77
CA ARG B 42 -7.80 -21.98 2.75
C ARG B 42 -8.11 -20.81 3.67
N CYS B 43 -7.11 -19.95 3.88
CA CYS B 43 -7.29 -18.77 4.71
C CYS B 43 -8.44 -17.95 4.11
N CYS B 44 -8.43 -17.84 2.78
CA CYS B 44 -9.45 -17.08 2.08
C CYS B 44 -10.81 -17.78 2.10
N PHE B 45 -10.79 -19.11 2.04
CA PHE B 45 -12.03 -19.87 2.09
C PHE B 45 -12.67 -19.58 3.44
N VAL B 46 -11.87 -19.69 4.49
CA VAL B 46 -12.32 -19.43 5.85
C VAL B 46 -12.84 -18.01 5.98
N HIS B 47 -12.09 -17.05 5.42
CA HIS B 47 -12.49 -15.66 5.47
C HIS B 47 -13.82 -15.44 4.75
N ASP B 48 -13.98 -16.06 3.59
CA ASP B 48 -15.21 -15.91 2.82
C ASP B 48 -16.39 -16.42 3.64
N CYS B 49 -16.22 -17.58 4.27
CA CYS B 49 -17.27 -18.17 5.10
C CYS B 49 -17.57 -17.30 6.31
N CYS B 50 -16.52 -16.76 6.92
CA CYS B 50 -16.65 -15.90 8.09
C CYS B 50 -17.55 -14.72 7.77
N TYR B 51 -17.43 -14.22 6.54
CA TYR B 51 -18.25 -13.10 6.07
C TYR B 51 -19.68 -13.58 5.83
N GLY B 52 -19.79 -14.75 5.19
CA GLY B 52 -21.09 -15.32 4.90
C GLY B 52 -21.98 -15.47 6.12
N ARG B 53 -21.35 -15.65 7.29
CA ARG B 53 -22.10 -15.81 8.53
C ARG B 53 -22.44 -14.52 9.25
N VAL B 54 -21.97 -13.39 8.72
CA VAL B 54 -22.26 -12.11 9.34
C VAL B 54 -23.62 -11.59 8.90
N ARG B 55 -24.41 -11.13 9.86
CA ARG B 55 -25.74 -10.60 9.58
C ARG B 55 -25.95 -9.28 10.31
N GLY B 56 -26.79 -8.43 9.74
CA GLY B 56 -27.06 -7.15 10.36
C GLY B 56 -26.15 -6.05 9.86
N CYS B 57 -25.07 -6.41 9.17
CA CYS B 57 -24.13 -5.42 8.67
C CYS B 57 -23.42 -5.89 7.39
N ASN B 58 -22.78 -4.95 6.70
CA ASN B 58 -22.05 -5.27 5.47
C ASN B 58 -20.57 -5.42 5.80
N PRO B 59 -20.05 -6.65 5.76
CA PRO B 59 -18.65 -6.93 6.06
C PRO B 59 -17.60 -6.20 5.21
N LYS B 60 -17.95 -5.83 3.99
CA LYS B 60 -16.99 -5.15 3.11
C LYS B 60 -17.08 -3.62 3.17
N LEU B 61 -18.15 -3.10 3.74
CA LEU B 61 -18.35 -1.65 3.83
C LEU B 61 -18.31 -1.10 5.25
N ALA B 62 -18.76 -1.91 6.21
CA ALA B 62 -18.79 -1.50 7.60
C ALA B 62 -17.40 -1.15 8.14
N ILE B 63 -17.32 -0.08 8.92
CA ILE B 63 -16.07 0.36 9.51
C ILE B 63 -16.01 -0.05 10.98
N TYR B 64 -14.94 -0.74 11.37
CA TYR B 64 -14.79 -1.17 12.75
C TYR B 64 -13.56 -0.49 13.37
N ALA B 65 -13.26 -0.82 14.62
CA ALA B 65 -12.11 -0.26 15.30
C ALA B 65 -11.05 -1.34 15.51
N TYR B 66 -9.79 -0.97 15.29
CA TYR B 66 -8.69 -1.92 15.47
C TYR B 66 -7.39 -1.12 15.54
N SER B 67 -6.30 -1.82 15.80
CA SER B 67 -5.00 -1.17 15.87
C SER B 67 -3.88 -2.20 15.93
N PHE B 68 -2.65 -1.73 15.79
CA PHE B 68 -1.48 -2.60 15.86
C PHE B 68 -0.75 -2.33 17.16
N LYS B 69 -0.47 -3.40 17.89
CA LYS B 69 0.25 -3.30 19.15
C LYS B 69 1.50 -4.15 19.00
N LYS B 70 2.64 -3.48 18.80
CA LYS B 70 3.91 -4.15 18.64
C LYS B 70 3.87 -5.16 17.48
N GLY B 71 3.41 -4.68 16.32
CA GLY B 71 3.34 -5.52 15.14
C GLY B 71 2.20 -6.53 15.08
N ASN B 72 1.31 -6.50 16.06
CA ASN B 72 0.19 -7.43 16.07
C ASN B 72 -1.17 -6.73 16.01
N ILE B 73 -2.05 -7.25 15.16
CA ILE B 73 -3.39 -6.70 14.98
C ILE B 73 -4.19 -6.84 16.26
N VAL B 74 -4.99 -5.83 16.57
CA VAL B 74 -5.81 -5.85 17.79
C VAL B 74 -7.20 -5.23 17.59
N CYS B 75 -8.22 -6.07 17.50
CA CYS B 75 -9.58 -5.57 17.34
C CYS B 75 -9.96 -4.89 18.65
N GLY B 76 -10.35 -3.61 18.56
CA GLY B 76 -10.70 -2.87 19.75
C GLY B 76 -12.16 -2.97 20.17
N LYS B 77 -12.68 -1.88 20.74
CA LYS B 77 -14.05 -1.80 21.21
C LYS B 77 -15.07 -2.08 20.11
N ASN B 78 -15.41 -3.35 19.93
CA ASN B 78 -16.38 -3.75 18.92
C ASN B 78 -17.51 -4.57 19.53
N ASN B 79 -18.72 -4.32 19.05
CA ASN B 79 -19.89 -5.04 19.55
C ASN B 79 -20.75 -5.54 18.38
N GLY B 80 -21.28 -6.74 18.53
CA GLY B 80 -22.12 -7.31 17.49
C GLY B 80 -21.35 -7.71 16.24
N CYS B 81 -21.95 -7.46 15.09
CA CYS B 81 -21.35 -7.79 13.79
C CYS B 81 -19.97 -7.15 13.62
N LEU B 82 -19.87 -5.86 13.92
CA LEU B 82 -18.60 -5.13 13.78
C LEU B 82 -17.49 -5.92 14.44
N ARG B 83 -17.80 -6.49 15.61
CA ARG B 83 -16.84 -7.29 16.34
C ARG B 83 -16.50 -8.51 15.48
N ASP B 84 -17.53 -9.16 14.95
CA ASP B 84 -17.36 -10.35 14.12
C ASP B 84 -16.54 -10.03 12.86
N ILE B 85 -16.89 -8.92 12.20
CA ILE B 85 -16.20 -8.50 10.99
C ILE B 85 -14.71 -8.30 11.23
N CYS B 86 -14.36 -7.54 12.27
CA CYS B 86 -12.95 -7.30 12.60
C CYS B 86 -12.23 -8.62 12.85
N GLU B 87 -12.92 -9.51 13.54
CA GLU B 87 -12.37 -10.82 13.87
C GLU B 87 -12.12 -11.64 12.61
N CYS B 88 -13.01 -11.50 11.63
CA CYS B 88 -12.86 -12.21 10.37
C CYS B 88 -11.57 -11.78 9.66
N ASP B 89 -11.36 -10.47 9.56
CA ASP B 89 -10.19 -9.93 8.90
C ASP B 89 -8.90 -10.18 9.67
N ARG B 90 -8.94 -9.97 10.98
CA ARG B 90 -7.77 -10.19 11.83
C ARG B 90 -7.23 -11.61 11.66
N VAL B 91 -8.13 -12.59 11.73
CA VAL B 91 -7.75 -13.99 11.58
C VAL B 91 -7.19 -14.27 10.19
N ALA B 92 -7.83 -13.70 9.16
CA ALA B 92 -7.39 -13.91 7.79
C ALA B 92 -6.00 -13.31 7.56
N ALA B 93 -5.78 -12.10 8.07
CA ALA B 93 -4.50 -11.43 7.93
C ALA B 93 -3.39 -12.23 8.60
N ASN B 94 -3.64 -12.71 9.81
CA ASN B 94 -2.63 -13.50 10.52
C ASN B 94 -2.39 -14.83 9.80
N CYS B 95 -3.45 -15.37 9.22
CA CYS B 95 -3.38 -16.63 8.49
C CYS B 95 -2.47 -16.47 7.26
N PHE B 96 -2.56 -15.32 6.58
CA PHE B 96 -1.70 -15.09 5.41
C PHE B 96 -0.25 -15.05 5.87
N HIS B 97 0.00 -14.23 6.88
CA HIS B 97 1.34 -14.06 7.44
C HIS B 97 1.90 -15.40 7.92
N GLN B 98 1.07 -16.17 8.61
CA GLN B 98 1.45 -17.47 9.13
C GLN B 98 1.88 -18.43 8.03
N ASN B 99 1.22 -18.32 6.87
CA ASN B 99 1.51 -19.19 5.74
C ASN B 99 2.28 -18.53 4.60
N GLN B 100 2.93 -17.41 4.89
CA GLN B 100 3.69 -16.70 3.87
C GLN B 100 4.75 -17.60 3.23
N ASN B 101 5.42 -18.39 4.07
CA ASN B 101 6.47 -19.29 3.63
C ASN B 101 6.06 -20.34 2.59
N THR B 102 4.77 -20.56 2.41
CA THR B 102 4.32 -21.54 1.42
C THR B 102 3.53 -20.92 0.27
N TYR B 103 3.53 -19.59 0.20
CA TYR B 103 2.83 -18.87 -0.85
C TYR B 103 3.39 -19.31 -2.20
N ASN B 104 2.52 -19.72 -3.11
CA ASN B 104 2.94 -20.18 -4.44
C ASN B 104 2.55 -19.19 -5.53
N LYS B 105 3.51 -18.42 -6.02
CA LYS B 105 3.25 -17.45 -7.06
C LYS B 105 2.50 -18.04 -8.25
N ASN B 106 2.73 -19.32 -8.51
CA ASN B 106 2.05 -19.99 -9.63
C ASN B 106 0.54 -20.03 -9.44
N TYR B 107 0.08 -19.72 -8.23
CA TYR B 107 -1.36 -19.72 -7.95
C TYR B 107 -2.04 -18.37 -8.23
N LYS B 108 -1.24 -17.33 -8.44
CA LYS B 108 -1.77 -16.00 -8.73
C LYS B 108 -2.54 -16.04 -10.05
N PHE B 109 -3.77 -15.53 -10.07
CA PHE B 109 -4.59 -15.52 -11.27
C PHE B 109 -4.71 -16.93 -11.84
N LEU B 110 -5.01 -17.87 -10.95
CA LEU B 110 -5.14 -19.28 -11.31
C LEU B 110 -6.23 -19.51 -12.35
N SER B 111 -5.95 -20.40 -13.30
CA SER B 111 -6.90 -20.74 -14.36
C SER B 111 -8.24 -21.21 -13.81
N SER B 112 -9.32 -20.83 -14.50
CA SER B 112 -10.67 -21.19 -14.09
C SER B 112 -10.87 -22.71 -14.06
N SER B 113 -10.24 -23.39 -15.01
CA SER B 113 -10.36 -24.84 -15.12
C SER B 113 -9.80 -25.60 -13.91
N ARG B 114 -8.99 -24.93 -13.11
CA ARG B 114 -8.40 -25.60 -11.96
C ARG B 114 -9.19 -25.50 -10.66
N CYS B 115 -10.40 -24.94 -10.74
CA CYS B 115 -11.26 -24.81 -9.57
C CYS B 115 -12.63 -25.38 -9.91
N ARG B 116 -12.65 -26.34 -10.83
CA ARG B 116 -13.88 -26.97 -11.26
C ARG B 116 -14.39 -28.00 -10.25
N GLN B 117 -13.54 -28.39 -9.30
CA GLN B 117 -13.92 -29.37 -8.29
C GLN B 117 -15.20 -28.94 -7.56
N THR B 118 -15.74 -29.83 -6.74
CA THR B 118 -16.94 -29.53 -5.98
C THR B 118 -16.64 -28.43 -4.96
N SER B 119 -17.54 -27.46 -4.87
CA SER B 119 -17.37 -26.36 -3.93
C SER B 119 -17.53 -26.78 -2.48
N GLU B 120 -16.41 -26.91 -1.79
CA GLU B 120 -16.43 -27.30 -0.38
C GLU B 120 -17.40 -26.38 0.35
N GLN B 121 -18.17 -26.93 1.26
CA GLN B 121 -19.16 -26.14 2.00
C GLN B 121 -18.59 -25.51 3.27
N CYS B 122 -19.15 -24.36 3.64
CA CYS B 122 -18.72 -23.63 4.83
C CYS B 122 -19.13 -24.36 6.12
CA CA C . 0.53 -0.09 0.95
CA CA D . 14.02 20.86 -0.11
S SO4 E . 19.49 10.66 -22.59
O1 SO4 E . 18.75 9.59 -23.29
O2 SO4 E . 19.49 11.88 -23.40
O3 SO4 E . 18.87 10.92 -21.28
O4 SO4 E . 20.89 10.21 -22.38
C25 TRT F . 4.98 13.62 -11.04
O24 TRT F . 5.51 13.73 -9.70
C23 TRT F . 5.92 15.08 -9.38
C22 TRT F . 6.67 15.08 -8.05
O21 TRT F . 5.81 14.60 -7.01
C20 TRT F . 6.49 13.69 -6.15
C19 TRT F . 5.45 13.02 -5.24
O18 TRT F . 5.04 11.78 -5.80
C17 TRT F . 4.07 11.10 -5.00
C16 TRT F . 4.04 9.64 -5.40
O15 TRT F . 3.85 9.50 -6.79
C12 TRT F . 3.40 8.31 -7.35
C13 TRT F . 3.93 7.06 -6.92
C14 TRT F . 3.46 5.85 -7.51
C11 TRT F . 2.39 8.35 -8.35
C10 TRT F . 1.91 7.14 -8.93
C9 TRT F . 2.44 5.86 -8.52
C6 TRT F . 1.92 4.53 -9.15
C8 TRT F . 3.13 3.93 -9.88
C7 TRT F . 0.84 4.77 -10.22
C5 TRT F . 1.47 3.42 -8.12
C1 TRT F . 0.28 3.47 -7.10
C2 TRT F . 0.36 4.60 -6.07
C4 TRT F . 0.28 2.16 -6.35
C3 TRT F . -1.10 3.55 -7.74
S SO4 G . -29.29 -8.69 7.46
O1 SO4 G . -30.07 -9.71 6.75
O2 SO4 G . -29.68 -7.35 6.98
O3 SO4 G . -29.56 -8.78 8.91
O4 SO4 G . -27.85 -8.91 7.22
C25 TRT H . -14.23 -15.81 -2.01
O24 TRT H . -13.66 -14.50 -1.87
C23 TRT H . -13.15 -14.26 -0.55
C22 TRT H . -12.24 -13.03 -0.56
O21 TRT H . -10.87 -13.44 -0.47
C20 TRT H . -10.24 -12.93 0.71
C19 TRT H . -8.89 -12.32 0.33
O18 TRT H . -9.01 -10.92 0.09
C17 TRT H . -7.78 -10.29 -0.28
C16 TRT H . -8.08 -9.06 -1.14
O15 TRT H . -9.11 -8.26 -0.56
C12 TRT H . -9.30 -6.96 -0.97
C13 TRT H . -8.93 -5.90 -0.11
C14 TRT H . -9.13 -4.55 -0.51
C11 TRT H . -9.89 -6.69 -2.24
C10 TRT H . -10.09 -5.34 -2.65
C9 TRT H . -9.72 -4.25 -1.80
C6 TRT H . -9.94 -2.75 -2.23
C8 TRT H . -10.98 -2.19 -1.26
C7 TRT H . -10.58 -2.65 -3.63
C5 TRT H . -8.70 -1.81 -2.09
C1 TRT H . -7.33 -1.88 -2.84
C2 TRT H . -6.53 -3.17 -2.61
C4 TRT H . -6.47 -0.73 -2.34
C3 TRT H . -7.41 -1.66 -4.34
C1 TFA I . -2.47 0.60 -3.70
C2 TFA I . -3.27 0.63 -4.98
O TFA I . -2.18 1.71 -3.07
F1 TFA I . -4.43 0.02 -4.99
F2 TFA I . -3.55 1.88 -5.28
F3 TFA I . -2.67 0.15 -6.18
OXT TFA I . -2.13 -0.48 -3.28
#